data_9ASV
#
_entry.id   9ASV
#
_cell.length_a   55.332
_cell.length_b   98.453
_cell.length_c   58.922
_cell.angle_alpha   90.00
_cell.angle_beta   108.05
_cell.angle_gamma   90.00
#
_symmetry.space_group_name_H-M   'P 1 21 1'
#
loop_
_entity.id
_entity.type
_entity.pdbx_description
1 polymer '3C-like proteinase nsp5'
2 non-polymer '(1R,2S)-2-{[N-({[(2S)-1-benzyl-5-oxopyrrolidin-2-yl]methoxy}carbonyl)-L-leucyl]amino}-1-hydroxy-3-[(3S)-2-oxopyrrolidin-3-yl]propane-1-sulfonic acid'
3 non-polymer '(1S,2S)-2-{[N-({[(2S)-1-benzyl-5-oxopyrrolidin-2-yl]methoxy}carbonyl)-L-leucyl]amino}-1-hydroxy-3-[(3S)-2-oxopyrrolidin-3-yl]propane-1-sulfonic acid'
4 non-polymer 'TETRAETHYLENE GLYCOL'
5 water water
#
_entity_poly.entity_id   1
_entity_poly.type   'polypeptide(L)'
_entity_poly.pdbx_seq_one_letter_code
;SNIGSGFRKMAFPSGKVEGCMVQVTCGTTTLNGLWLDDVVYCPRHVICTSEDMLNPNYEDLLIRKSNHNFLVQAGNVQLR
VIGHSMQNCVLKLKVDTANPKTPKYKFVRIQPGQTFSVLACYNGSPSGVYQCAMRPNFTIKGSFLNGSCGSVGFNIDYDC
VSFCYMHHMELPTGVHAGTDLEGNFYGPFVDRQTAQAAGTDTTITVNVLAWLYAAVINGDRWFLNRFTTTLNDFNLVAMK
YNYEPLTQDHVDILGPLSAQTGIAVLDMCASLKELLQNGMNGRTILGSALLEDEFTPFDVVRQCSGVT
;
_entity_poly.pdbx_strand_id   A,B
#
# COMPACT_ATOMS: atom_id res chain seq x y z
N PHE A 7 2.57 10.42 -7.61
CA PHE A 7 1.59 9.39 -8.02
C PHE A 7 1.84 8.05 -7.33
N ARG A 8 0.79 7.48 -6.77
CA ARG A 8 0.90 6.50 -5.70
C ARG A 8 0.23 5.17 -6.05
N LYS A 9 0.97 4.08 -5.85
CA LYS A 9 0.41 2.73 -5.98
C LYS A 9 -0.50 2.49 -4.79
N MET A 10 -1.80 2.37 -5.06
CA MET A 10 -2.85 2.43 -4.06
C MET A 10 -3.60 1.12 -4.05
N ALA A 11 -3.78 0.54 -2.88
CA ALA A 11 -4.58 -0.66 -2.70
C ALA A 11 -6.02 -0.30 -2.37
N PHE A 12 -6.93 -1.20 -2.72
CA PHE A 12 -8.30 -1.08 -2.25
C PHE A 12 -8.36 -1.16 -0.72
N PRO A 13 -9.33 -0.49 -0.11
CA PRO A 13 -9.50 -0.64 1.33
C PRO A 13 -9.87 -2.10 1.61
N SER A 14 -9.25 -2.68 2.64
CA SER A 14 -9.22 -4.12 2.85
C SER A 14 -10.26 -4.63 3.85
N GLY A 15 -11.06 -3.73 4.45
CA GLY A 15 -11.92 -4.15 5.54
C GLY A 15 -12.92 -5.24 5.16
N LYS A 16 -13.51 -5.16 3.96
CA LYS A 16 -14.47 -6.19 3.59
C LYS A 16 -13.82 -7.57 3.51
N VAL A 17 -12.54 -7.63 3.14
CA VAL A 17 -11.85 -8.91 3.06
C VAL A 17 -11.34 -9.35 4.44
N GLU A 18 -10.89 -8.41 5.27
CA GLU A 18 -10.39 -8.77 6.61
C GLU A 18 -11.43 -9.57 7.39
N GLY A 19 -12.69 -9.18 7.27
CA GLY A 19 -13.79 -9.81 7.95
C GLY A 19 -14.07 -11.22 7.49
N CYS A 20 -13.40 -11.66 6.43
CA CYS A 20 -13.51 -13.03 5.92
C CYS A 20 -12.31 -13.91 6.25
N MET A 21 -11.25 -13.40 6.87
CA MET A 21 -10.03 -14.21 6.99
C MET A 21 -10.08 -15.01 8.27
N VAL A 22 -9.74 -16.29 8.15
CA VAL A 22 -9.69 -17.23 9.26
C VAL A 22 -8.41 -18.06 9.18
N GLN A 23 -8.14 -18.76 10.26
CA GLN A 23 -7.00 -19.66 10.34
C GLN A 23 -7.49 -21.08 10.14
N VAL A 24 -6.75 -21.85 9.33
CA VAL A 24 -7.02 -23.28 9.07
C VAL A 24 -5.79 -24.09 9.41
N THR A 25 -5.98 -25.14 10.22
CA THR A 25 -4.88 -25.98 10.62
C THR A 25 -5.21 -27.43 10.35
N CYS A 26 -4.24 -28.13 9.79
CA CYS A 26 -4.30 -29.58 9.62
C CYS A 26 -2.95 -30.16 9.99
N GLY A 27 -2.94 -31.03 10.99
CA GLY A 27 -1.66 -31.54 11.47
C GLY A 27 -0.84 -30.40 12.02
N THR A 28 0.41 -30.31 11.58
CA THR A 28 1.31 -29.24 12.01
C THR A 28 1.39 -28.11 11.01
N THR A 29 0.48 -28.08 10.04
CA THR A 29 0.46 -27.04 9.00
C THR A 29 -0.66 -26.06 9.28
N THR A 30 -0.34 -24.76 9.26
CA THR A 30 -1.33 -23.72 9.48
C THR A 30 -1.21 -22.74 8.32
N LEU A 31 -2.35 -22.35 7.75
CA LEU A 31 -2.37 -21.26 6.80
C LEU A 31 -3.70 -20.55 6.97
N ASN A 32 -4.00 -19.65 6.04
CA ASN A 32 -5.22 -18.87 6.09
C ASN A 32 -6.33 -19.46 5.22
N GLY A 33 -7.56 -19.11 5.60
CA GLY A 33 -8.74 -19.44 4.82
C GLY A 33 -9.61 -18.21 4.66
N LEU A 34 -10.45 -18.27 3.63
CA LEU A 34 -11.42 -17.24 3.27
C LEU A 34 -12.80 -17.80 3.54
N TRP A 35 -13.53 -17.15 4.45
CA TRP A 35 -14.81 -17.62 5.00
C TRP A 35 -15.93 -16.77 4.40
N LEU A 36 -16.67 -17.36 3.46
CA LEU A 36 -17.77 -16.69 2.78
C LEU A 36 -19.03 -17.49 3.04
N ASP A 37 -20.05 -16.84 3.58
CA ASP A 37 -21.27 -17.54 4.01
C ASP A 37 -20.85 -18.70 4.87
N ASP A 38 -21.16 -19.97 4.52
CA ASP A 38 -20.82 -21.08 5.40
C ASP A 38 -19.73 -21.98 4.84
N VAL A 39 -18.84 -21.44 4.01
CA VAL A 39 -17.76 -22.20 3.41
C VAL A 39 -16.44 -21.47 3.63
N VAL A 40 -15.40 -22.23 3.98
CA VAL A 40 -14.03 -21.73 4.11
C VAL A 40 -13.20 -22.31 2.96
N TYR A 41 -12.60 -21.42 2.17
CA TYR A 41 -11.73 -21.76 1.05
C TYR A 41 -10.27 -21.65 1.47
N CYS A 42 -9.47 -22.66 1.18
CA CYS A 42 -8.05 -22.55 1.48
C CYS A 42 -7.27 -23.43 0.52
N PRO A 43 -5.96 -23.24 0.47
CA PRO A 43 -5.12 -24.11 -0.36
C PRO A 43 -5.18 -25.55 0.14
N ARG A 44 -5.28 -26.48 -0.81
CA ARG A 44 -5.38 -27.88 -0.43
C ARG A 44 -4.08 -28.43 0.11
N HIS A 45 -2.93 -27.80 -0.15
CA HIS A 45 -1.71 -28.39 0.38
C HIS A 45 -1.65 -28.31 1.92
N VAL A 46 -2.65 -27.73 2.58
CA VAL A 46 -2.69 -27.77 4.04
C VAL A 46 -2.77 -29.22 4.53
N ILE A 47 -3.26 -30.15 3.70
CA ILE A 47 -3.42 -31.53 4.15
C ILE A 47 -2.14 -32.35 3.98
N CYS A 48 -1.11 -31.74 3.42
CA CYS A 48 0.12 -32.50 3.14
C CYS A 48 1.10 -32.47 4.31
N THR A 49 1.80 -33.57 4.52
CA THR A 49 2.89 -33.61 5.47
C THR A 49 4.19 -33.35 4.75
N SER A 50 5.27 -33.21 5.53
CA SER A 50 6.59 -33.06 4.96
C SER A 50 6.78 -34.02 3.79
N GLU A 51 6.46 -35.29 4.00
CA GLU A 51 6.74 -36.29 2.97
C GLU A 51 5.78 -36.17 1.79
N ASP A 52 4.49 -35.98 2.06
CA ASP A 52 3.49 -35.93 0.98
C ASP A 52 3.88 -34.93 -0.11
N MET A 53 4.49 -33.81 0.29
CA MET A 53 4.55 -32.62 -0.54
C MET A 53 5.37 -32.79 -1.81
N LEU A 54 6.21 -33.82 -1.92
CA LEU A 54 7.02 -33.95 -3.14
C LEU A 54 6.20 -34.48 -4.31
N ASN A 55 5.24 -35.37 -4.06
CA ASN A 55 4.32 -35.87 -5.08
C ASN A 55 3.01 -36.21 -4.39
N PRO A 56 2.23 -35.20 -4.00
CA PRO A 56 0.99 -35.45 -3.26
C PRO A 56 -0.16 -35.90 -4.16
N ASN A 57 -0.67 -37.10 -3.89
CA ASN A 57 -1.87 -37.61 -4.57
C ASN A 57 -3.06 -37.09 -3.79
N TYR A 58 -3.49 -35.86 -4.12
CA TYR A 58 -4.41 -35.13 -3.26
C TYR A 58 -5.75 -35.85 -3.05
N GLU A 59 -6.34 -36.42 -4.10
CA GLU A 59 -7.61 -37.12 -3.89
C GLU A 59 -7.44 -38.26 -2.88
N ASP A 60 -6.32 -38.97 -2.99
CA ASP A 60 -6.04 -40.08 -2.07
C ASP A 60 -5.76 -39.56 -0.66
N LEU A 61 -5.05 -38.44 -0.54
CA LEU A 61 -4.80 -37.86 0.78
C LEU A 61 -6.08 -37.29 1.39
N LEU A 62 -6.95 -36.72 0.56
CA LEU A 62 -8.14 -36.07 1.10
C LEU A 62 -9.16 -37.09 1.58
N ILE A 63 -9.28 -38.22 0.88
CA ILE A 63 -10.31 -39.18 1.28
C ILE A 63 -10.00 -39.77 2.65
N ARG A 64 -8.73 -39.73 3.05
CA ARG A 64 -8.30 -40.25 4.34
C ARG A 64 -8.49 -39.26 5.48
N LYS A 65 -8.96 -38.05 5.19
CA LYS A 65 -9.18 -37.01 6.19
C LYS A 65 -10.62 -37.02 6.65
N SER A 66 -10.82 -36.65 7.93
CA SER A 66 -12.14 -36.42 8.49
C SER A 66 -12.37 -34.94 8.77
N ASN A 67 -13.64 -34.57 8.84
CA ASN A 67 -13.97 -33.19 9.13
C ASN A 67 -13.24 -32.69 10.36
N HIS A 68 -13.09 -33.54 11.39
CA HIS A 68 -12.47 -33.11 12.63
C HIS A 68 -10.96 -32.97 12.51
N ASN A 69 -10.34 -33.40 11.41
CA ASN A 69 -8.92 -33.16 11.25
C ASN A 69 -8.61 -31.71 10.89
N PHE A 70 -9.62 -30.92 10.58
CA PHE A 70 -9.47 -29.53 10.16
C PHE A 70 -9.85 -28.65 11.34
N LEU A 71 -8.91 -27.86 11.82
CA LEU A 71 -9.18 -26.86 12.87
C LEU A 71 -9.28 -25.51 12.19
N VAL A 72 -10.46 -24.91 12.22
CA VAL A 72 -10.70 -23.58 11.70
C VAL A 72 -10.98 -22.64 12.85
N GLN A 73 -10.31 -21.50 12.88
CA GLN A 73 -10.49 -20.54 13.96
C GLN A 73 -10.73 -19.15 13.37
N ALA A 74 -11.82 -18.52 13.79
CA ALA A 74 -12.08 -17.12 13.47
C ALA A 74 -11.85 -16.32 14.74
N GLY A 75 -10.75 -15.59 14.79
CA GLY A 75 -10.38 -14.96 16.05
C GLY A 75 -10.22 -16.00 17.14
N ASN A 76 -10.97 -15.82 18.22
CA ASN A 76 -10.91 -16.74 19.35
C ASN A 76 -11.79 -17.98 19.14
N VAL A 77 -12.83 -17.86 18.30
CA VAL A 77 -13.84 -18.90 18.17
C VAL A 77 -13.37 -19.96 17.18
N GLN A 78 -13.70 -21.21 17.48
CA GLN A 78 -13.46 -22.31 16.56
C GLN A 78 -14.75 -22.56 15.80
N LEU A 79 -14.62 -22.76 14.50
CA LEU A 79 -15.75 -23.08 13.64
C LEU A 79 -15.74 -24.58 13.40
N ARG A 80 -16.90 -25.18 13.48
CA ARG A 80 -17.01 -26.63 13.33
C ARG A 80 -17.15 -26.94 11.84
N VAL A 81 -16.20 -27.71 11.32
CA VAL A 81 -16.25 -28.24 9.98
C VAL A 81 -17.23 -29.40 9.95
N ILE A 82 -18.22 -29.32 9.07
CA ILE A 82 -19.24 -30.36 8.92
C ILE A 82 -19.17 -31.04 7.57
N GLY A 83 -18.21 -30.69 6.73
CA GLY A 83 -18.08 -31.34 5.44
C GLY A 83 -16.95 -30.67 4.69
N HIS A 84 -16.42 -31.40 3.71
CA HIS A 84 -15.33 -30.84 2.91
C HIS A 84 -15.42 -31.37 1.49
N SER A 85 -14.87 -30.60 0.57
CA SER A 85 -14.74 -31.02 -0.82
C SER A 85 -13.55 -30.28 -1.41
N MET A 86 -13.06 -30.77 -2.54
CA MET A 86 -11.90 -30.21 -3.22
C MET A 86 -12.31 -29.74 -4.60
N GLN A 87 -11.93 -28.51 -4.95
CA GLN A 87 -12.09 -28.02 -6.31
C GLN A 87 -10.72 -27.59 -6.80
N ASN A 88 -10.20 -28.31 -7.78
CA ASN A 88 -8.83 -28.11 -8.28
C ASN A 88 -7.89 -28.01 -7.08
N CYS A 89 -7.08 -26.95 -6.94
CA CYS A 89 -6.13 -26.86 -5.84
C CYS A 89 -6.69 -26.17 -4.59
N VAL A 90 -7.99 -25.90 -4.50
CA VAL A 90 -8.57 -25.35 -3.28
C VAL A 90 -9.46 -26.37 -2.58
N LEU A 91 -9.39 -26.32 -1.26
CA LEU A 91 -10.25 -27.05 -0.36
C LEU A 91 -11.37 -26.13 0.08
N LYS A 92 -12.58 -26.67 0.14
CA LYS A 92 -13.80 -25.98 0.52
C LYS A 92 -14.34 -26.67 1.77
N LEU A 93 -14.15 -26.02 2.90
CA LEU A 93 -14.59 -26.54 4.19
C LEU A 93 -15.95 -25.96 4.54
N LYS A 94 -16.96 -26.82 4.61
CA LYS A 94 -18.28 -26.39 5.03
C LYS A 94 -18.28 -26.30 6.54
N VAL A 95 -18.75 -25.18 7.07
CA VAL A 95 -18.79 -24.96 8.51
C VAL A 95 -20.23 -24.76 8.95
N ASP A 96 -20.47 -24.97 10.24
CA ASP A 96 -21.84 -24.86 10.76
C ASP A 96 -22.26 -23.43 11.04
N THR A 97 -21.42 -22.43 10.76
CA THR A 97 -21.75 -21.04 11.02
C THR A 97 -21.58 -20.22 9.75
N ALA A 98 -22.53 -19.31 9.54
CA ALA A 98 -22.44 -18.34 8.47
C ALA A 98 -21.65 -17.14 8.94
N ASN A 99 -20.82 -16.62 8.05
CA ASN A 99 -20.11 -15.39 8.32
C ASN A 99 -21.00 -14.18 8.10
N PRO A 100 -21.40 -13.47 9.16
CA PRO A 100 -22.27 -12.30 8.97
C PRO A 100 -21.55 -11.15 8.30
N LYS A 101 -20.23 -11.18 8.24
CA LYS A 101 -19.47 -10.14 7.56
C LYS A 101 -19.21 -10.46 6.09
N THR A 102 -19.86 -11.48 5.54
CA THR A 102 -19.68 -11.83 4.14
C THR A 102 -20.08 -10.65 3.24
N PRO A 103 -19.19 -10.13 2.42
CA PRO A 103 -19.56 -9.02 1.54
C PRO A 103 -20.28 -9.54 0.31
N LYS A 104 -20.87 -8.63 -0.43
CA LYS A 104 -21.24 -8.96 -1.80
C LYS A 104 -19.96 -9.32 -2.55
N TYR A 105 -19.97 -10.44 -3.27
CA TYR A 105 -18.71 -10.86 -3.87
C TYR A 105 -18.93 -11.67 -5.14
N LYS A 106 -17.86 -11.80 -5.91
CA LYS A 106 -17.80 -12.78 -6.99
C LYS A 106 -16.37 -13.28 -7.11
N PHE A 107 -16.25 -14.40 -7.81
CA PHE A 107 -14.97 -15.04 -8.11
C PHE A 107 -14.68 -14.76 -9.57
N VAL A 108 -13.52 -14.16 -9.85
CA VAL A 108 -13.15 -13.86 -11.23
C VAL A 108 -11.76 -14.44 -11.49
N ARG A 109 -11.46 -14.66 -12.76
CA ARG A 109 -10.13 -15.06 -13.18
C ARG A 109 -9.54 -13.88 -13.95
N ILE A 110 -8.44 -13.32 -13.44
CA ILE A 110 -7.90 -12.11 -14.06
C ILE A 110 -6.97 -12.48 -15.20
N GLN A 111 -6.79 -11.52 -16.11
CA GLN A 111 -5.89 -11.56 -17.25
C GLN A 111 -4.52 -11.02 -16.88
N PRO A 112 -3.47 -11.49 -17.55
CA PRO A 112 -2.16 -10.89 -17.33
C PRO A 112 -2.20 -9.41 -17.67
N GLY A 113 -1.46 -8.64 -16.88
CA GLY A 113 -1.48 -7.20 -16.99
C GLY A 113 -2.48 -6.50 -16.10
N GLN A 114 -3.49 -7.22 -15.60
CA GLN A 114 -4.46 -6.63 -14.68
C GLN A 114 -3.88 -6.55 -13.27
N THR A 115 -4.39 -5.61 -12.50
CA THR A 115 -3.91 -5.40 -11.14
C THR A 115 -4.96 -5.81 -10.10
N PHE A 116 -4.47 -6.01 -8.88
CA PHE A 116 -5.35 -6.36 -7.79
C PHE A 116 -4.61 -6.07 -6.50
N SER A 117 -5.39 -5.98 -5.43
CA SER A 117 -4.86 -5.78 -4.09
C SER A 117 -4.70 -7.11 -3.40
N VAL A 118 -3.59 -7.27 -2.69
CA VAL A 118 -3.33 -8.45 -1.87
C VAL A 118 -3.48 -8.06 -0.41
N LEU A 119 -4.19 -8.89 0.37
CA LEU A 119 -4.23 -8.76 1.83
C LEU A 119 -3.40 -9.91 2.37
N ALA A 120 -2.17 -9.59 2.75
CA ALA A 120 -1.28 -10.59 3.29
C ALA A 120 -1.69 -10.87 4.71
N CYS A 121 -1.84 -12.16 5.03
CA CYS A 121 -2.34 -12.66 6.30
C CYS A 121 -1.42 -13.75 6.81
N TYR A 122 -1.37 -13.89 8.13
CA TYR A 122 -0.60 -14.92 8.83
C TYR A 122 -1.44 -15.39 10.01
N ASN A 123 -1.64 -16.71 10.12
CA ASN A 123 -2.44 -17.30 11.21
C ASN A 123 -3.84 -16.69 11.26
N GLY A 124 -4.36 -16.39 10.08
CA GLY A 124 -5.70 -15.87 9.96
C GLY A 124 -5.83 -14.40 10.29
N SER A 125 -4.72 -13.73 10.57
CA SER A 125 -4.72 -12.30 10.87
C SER A 125 -4.13 -11.47 9.74
N PRO A 126 -4.88 -10.49 9.27
CA PRO A 126 -4.37 -9.55 8.25
C PRO A 126 -3.14 -8.81 8.73
N SER A 127 -2.13 -8.74 7.88
CA SER A 127 -0.88 -8.10 8.21
C SER A 127 -0.54 -6.90 7.33
N GLY A 128 -0.91 -6.92 6.05
CA GLY A 128 -0.57 -5.79 5.19
C GLY A 128 -1.38 -5.88 3.91
N VAL A 129 -1.44 -4.74 3.21
CA VAL A 129 -2.19 -4.66 1.96
CA VAL A 129 -2.20 -4.65 1.97
C VAL A 129 -1.37 -3.89 0.95
N TYR A 130 -1.33 -4.41 -0.27
CA TYR A 130 -0.53 -3.79 -1.32
C TYR A 130 -1.07 -4.22 -2.67
N GLN A 131 -0.72 -3.44 -3.69
CA GLN A 131 -1.17 -3.65 -5.05
C GLN A 131 -0.14 -4.47 -5.81
N CYS A 132 -0.62 -5.43 -6.62
CA CYS A 132 0.18 -6.39 -7.40
C CYS A 132 -0.37 -6.39 -8.83
N ALA A 133 0.40 -6.93 -9.77
CA ALA A 133 -0.14 -7.21 -11.10
C ALA A 133 0.09 -8.69 -11.42
N MET A 134 -0.84 -9.26 -12.13
CA MET A 134 -0.62 -10.55 -12.74
C MET A 134 0.40 -10.39 -13.87
N ARG A 135 1.60 -10.93 -13.71
CA ARG A 135 2.65 -10.79 -14.70
C ARG A 135 2.28 -11.53 -15.98
N PRO A 136 2.82 -11.10 -17.11
CA PRO A 136 2.60 -11.87 -18.34
C PRO A 136 2.98 -13.34 -18.22
N ASN A 137 3.97 -13.68 -17.40
CA ASN A 137 4.31 -15.09 -17.18
C ASN A 137 3.51 -15.71 -16.03
N PHE A 138 2.45 -15.05 -15.57
CA PHE A 138 1.51 -15.58 -14.59
C PHE A 138 2.11 -15.75 -13.20
N THR A 139 3.22 -15.10 -12.91
CA THR A 139 3.64 -14.93 -11.53
C THR A 139 3.16 -13.59 -11.00
N ILE A 140 3.31 -13.37 -9.71
CA ILE A 140 3.12 -12.04 -9.15
C ILE A 140 4.32 -11.71 -8.29
N LYS A 141 4.74 -10.45 -8.34
CA LYS A 141 5.83 -9.99 -7.50
C LYS A 141 5.20 -9.57 -6.17
N GLY A 142 5.05 -10.52 -5.28
CA GLY A 142 4.44 -10.28 -4.00
C GLY A 142 5.45 -10.18 -2.86
N SER A 143 4.90 -10.03 -1.67
CA SER A 143 5.64 -10.05 -0.42
C SER A 143 4.86 -11.03 0.45
N PHE A 144 5.37 -12.25 0.50
CA PHE A 144 4.71 -13.36 1.15
C PHE A 144 5.77 -14.17 1.87
N LEU A 145 5.58 -14.40 3.16
CA LEU A 145 6.47 -15.23 3.97
C LEU A 145 5.80 -16.57 4.32
N ASN A 146 6.52 -17.37 5.11
CA ASN A 146 5.94 -18.60 5.64
C ASN A 146 4.62 -18.30 6.35
N GLY A 147 3.62 -19.14 6.10
CA GLY A 147 2.30 -18.96 6.67
C GLY A 147 1.35 -18.05 5.90
N SER A 148 1.78 -17.44 4.80
CA SER A 148 0.94 -16.53 4.04
C SER A 148 -0.05 -17.23 3.12
N CYS A 149 0.07 -18.55 2.94
CA CYS A 149 -0.82 -19.22 2.01
C CYS A 149 -2.27 -19.05 2.42
N GLY A 150 -3.12 -18.88 1.42
CA GLY A 150 -4.51 -18.57 1.66
C GLY A 150 -4.84 -17.10 1.71
N SER A 151 -3.82 -16.24 1.80
CA SER A 151 -4.00 -14.82 1.52
C SER A 151 -4.61 -14.66 0.14
N VAL A 152 -5.46 -13.63 -0.01
CA VAL A 152 -6.19 -13.49 -1.27
C VAL A 152 -5.90 -12.14 -1.90
N GLY A 153 -6.10 -12.10 -3.20
CA GLY A 153 -6.07 -10.89 -3.97
C GLY A 153 -7.46 -10.57 -4.52
N PHE A 154 -7.74 -9.28 -4.67
CA PHE A 154 -9.10 -8.86 -4.98
C PHE A 154 -9.13 -7.45 -5.59
N ASN A 155 -10.24 -7.16 -6.27
CA ASN A 155 -10.62 -5.82 -6.64
C ASN A 155 -11.96 -5.51 -5.99
N ILE A 156 -12.28 -4.21 -5.85
CA ILE A 156 -13.60 -3.80 -5.35
C ILE A 156 -14.24 -2.85 -6.35
N ASP A 157 -15.53 -3.07 -6.60
CA ASP A 157 -16.33 -2.23 -7.49
C ASP A 157 -17.65 -1.99 -6.76
N TYR A 158 -17.92 -0.73 -6.45
CA TYR A 158 -19.08 -0.36 -5.62
C TYR A 158 -18.96 -1.13 -4.31
N ASP A 159 -19.89 -2.01 -3.97
CA ASP A 159 -19.80 -2.77 -2.73
C ASP A 159 -19.38 -4.22 -2.97
N CYS A 160 -19.00 -4.58 -4.21
CA CYS A 160 -18.74 -5.97 -4.59
C CYS A 160 -17.25 -6.26 -4.60
N VAL A 161 -16.84 -7.31 -3.87
CA VAL A 161 -15.47 -7.77 -3.86
C VAL A 161 -15.33 -8.88 -4.91
N SER A 162 -14.45 -8.67 -5.85
CA SER A 162 -14.14 -9.65 -6.89
C SER A 162 -12.83 -10.30 -6.47
N PHE A 163 -12.91 -11.51 -5.94
CA PHE A 163 -11.72 -12.27 -5.57
C PHE A 163 -11.09 -12.89 -6.80
N CYS A 164 -9.80 -12.65 -6.98
CA CYS A 164 -9.12 -13.19 -8.16
C CYS A 164 -7.90 -14.06 -7.89
N TYR A 165 -7.40 -14.12 -6.65
CA TYR A 165 -6.13 -14.76 -6.37
C TYR A 165 -6.16 -15.36 -4.98
N MET A 166 -5.62 -16.57 -4.85
CA MET A 166 -5.30 -17.16 -3.56
C MET A 166 -3.86 -17.65 -3.59
N HIS A 167 -3.12 -17.35 -2.55
CA HIS A 167 -1.69 -17.58 -2.56
C HIS A 167 -1.30 -19.01 -2.18
N HIS A 168 -0.40 -19.64 -2.99
CA HIS A 168 0.07 -21.00 -2.73
C HIS A 168 1.59 -21.18 -2.61
N MET A 169 2.43 -20.38 -3.26
CA MET A 169 3.84 -20.75 -3.29
C MET A 169 4.75 -19.60 -3.70
N GLU A 170 6.03 -19.77 -3.39
CA GLU A 170 7.12 -18.87 -3.77
C GLU A 170 8.12 -19.65 -4.61
N LEU A 171 8.56 -19.05 -5.66
CA LEU A 171 9.49 -19.66 -6.60
C LEU A 171 10.91 -19.27 -6.25
N PRO A 172 11.90 -19.99 -6.80
CA PRO A 172 13.30 -19.73 -6.41
C PRO A 172 13.76 -18.30 -6.67
N THR A 173 13.19 -17.63 -7.67
CA THR A 173 13.55 -16.26 -7.96
C THR A 173 12.90 -15.25 -7.00
N GLY A 174 12.10 -15.70 -6.05
CA GLY A 174 11.44 -14.81 -5.13
C GLY A 174 10.11 -14.26 -5.58
N VAL A 175 9.62 -14.62 -6.77
CA VAL A 175 8.26 -14.26 -7.18
C VAL A 175 7.30 -15.35 -6.68
N HIS A 176 5.99 -15.13 -6.89
CA HIS A 176 4.96 -15.91 -6.24
C HIS A 176 3.96 -16.45 -7.24
N ALA A 177 3.32 -17.58 -6.87
CA ALA A 177 2.33 -18.19 -7.71
C ALA A 177 1.15 -18.70 -6.88
N GLY A 178 0.00 -18.73 -7.53
CA GLY A 178 -1.23 -19.09 -6.86
C GLY A 178 -2.31 -19.36 -7.87
N THR A 179 -3.53 -19.43 -7.35
CA THR A 179 -4.70 -19.86 -8.11
C THR A 179 -5.77 -18.78 -8.08
N ASP A 180 -6.78 -18.97 -8.93
CA ASP A 180 -8.03 -18.27 -8.75
C ASP A 180 -8.83 -18.96 -7.65
N LEU A 181 -10.05 -18.51 -7.40
CA LEU A 181 -10.80 -19.04 -6.29
C LEU A 181 -11.57 -20.29 -6.71
N GLU A 182 -11.40 -20.71 -7.96
CA GLU A 182 -11.76 -22.04 -8.40
C GLU A 182 -10.65 -23.03 -8.26
N GLY A 183 -9.48 -22.61 -7.77
CA GLY A 183 -8.38 -23.53 -7.53
C GLY A 183 -7.48 -23.78 -8.72
N ASN A 184 -7.69 -23.10 -9.84
CA ASN A 184 -6.86 -23.24 -11.03
C ASN A 184 -5.67 -22.30 -10.96
N PHE A 185 -4.45 -22.86 -11.04
CA PHE A 185 -3.28 -21.99 -11.05
C PHE A 185 -3.30 -20.99 -12.19
N TYR A 186 -2.75 -19.82 -11.91
CA TYR A 186 -2.20 -18.96 -12.94
C TYR A 186 -0.82 -19.50 -13.30
N GLY A 187 -0.61 -19.79 -14.57
CA GLY A 187 0.69 -20.25 -15.00
C GLY A 187 0.88 -21.75 -14.90
N PRO A 188 2.07 -22.18 -15.28
CA PRO A 188 2.36 -23.62 -15.38
C PRO A 188 2.86 -24.27 -14.10
N PHE A 189 2.37 -23.81 -12.96
CA PHE A 189 2.86 -24.22 -11.67
C PHE A 189 1.97 -25.30 -11.05
N VAL A 190 2.54 -25.99 -10.07
CA VAL A 190 1.93 -27.16 -9.47
C VAL A 190 2.15 -27.05 -7.96
N ASP A 191 1.13 -27.40 -7.18
CA ASP A 191 1.23 -27.36 -5.72
C ASP A 191 1.88 -28.66 -5.21
N ARG A 192 3.16 -28.79 -5.59
CA ARG A 192 4.09 -29.75 -4.99
C ARG A 192 5.36 -29.03 -4.56
N GLN A 193 6.07 -29.62 -3.59
CA GLN A 193 7.23 -28.97 -2.97
C GLN A 193 8.48 -29.22 -3.83
N THR A 194 8.54 -28.51 -4.96
CA THR A 194 9.65 -28.55 -5.92
C THR A 194 10.01 -27.13 -6.32
N ALA A 195 11.27 -26.95 -6.73
CA ALA A 195 11.75 -25.66 -7.25
C ALA A 195 11.29 -25.49 -8.69
N GLN A 196 10.45 -24.49 -8.92
CA GLN A 196 9.80 -24.31 -10.21
C GLN A 196 10.15 -22.97 -10.80
N ALA A 197 10.52 -22.97 -12.08
CA ALA A 197 10.86 -21.75 -12.78
C ALA A 197 9.67 -21.32 -13.61
N ALA A 198 9.55 -20.01 -13.77
CA ALA A 198 8.52 -19.47 -14.64
C ALA A 198 9.07 -19.28 -16.03
N GLY A 199 8.19 -19.03 -16.96
CA GLY A 199 8.61 -18.67 -18.28
C GLY A 199 9.16 -17.26 -18.26
N THR A 200 9.74 -16.87 -19.40
CA THR A 200 10.33 -15.55 -19.50
C THR A 200 9.28 -14.48 -19.31
N ASP A 201 9.54 -13.58 -18.37
CA ASP A 201 8.60 -12.49 -18.15
C ASP A 201 8.86 -11.37 -19.16
N THR A 202 7.83 -10.57 -19.35
CA THR A 202 7.85 -9.43 -20.22
C THR A 202 7.24 -8.26 -19.49
N THR A 203 7.44 -7.06 -20.02
CA THR A 203 6.92 -5.87 -19.40
C THR A 203 5.55 -5.51 -19.97
N ILE A 204 4.65 -5.07 -19.09
CA ILE A 204 3.27 -4.81 -19.50
C ILE A 204 3.21 -3.43 -20.14
N THR A 205 3.25 -3.40 -21.48
CA THR A 205 3.45 -2.17 -22.22
C THR A 205 2.30 -1.18 -22.05
N VAL A 206 1.06 -1.66 -22.11
CA VAL A 206 -0.08 -0.75 -21.96
C VAL A 206 -0.03 -0.07 -20.60
N ASN A 207 0.49 -0.77 -19.57
CA ASN A 207 0.60 -0.18 -18.24
C ASN A 207 1.73 0.85 -18.17
N VAL A 208 2.88 0.58 -18.78
CA VAL A 208 3.93 1.59 -18.80
C VAL A 208 3.41 2.85 -19.45
N LEU A 209 2.66 2.70 -20.54
CA LEU A 209 2.13 3.89 -21.19
C LEU A 209 1.14 4.63 -20.30
N ALA A 210 0.26 3.90 -19.59
CA ALA A 210 -0.63 4.58 -18.66
C ALA A 210 0.17 5.39 -17.64
N TRP A 211 1.24 4.80 -17.13
CA TRP A 211 2.05 5.45 -16.11
C TRP A 211 2.74 6.71 -16.66
N LEU A 212 3.30 6.62 -17.86
CA LEU A 212 3.86 7.81 -18.52
C LEU A 212 2.84 8.92 -18.62
N TYR A 213 1.61 8.59 -19.01
CA TYR A 213 0.53 9.58 -19.00
C TYR A 213 0.28 10.13 -17.61
N ALA A 214 0.27 9.24 -16.59
CA ALA A 214 0.10 9.73 -15.22
C ALA A 214 1.19 10.74 -14.86
N ALA A 215 2.43 10.52 -15.32
CA ALA A 215 3.49 11.44 -14.99
C ALA A 215 3.28 12.79 -15.66
N VAL A 216 2.78 12.78 -16.90
CA VAL A 216 2.43 14.02 -17.57
C VAL A 216 1.34 14.74 -16.78
N ILE A 217 0.23 14.05 -16.49
CA ILE A 217 -0.85 14.62 -15.68
C ILE A 217 -0.31 15.29 -14.42
N ASN A 218 0.81 14.78 -13.88
CA ASN A 218 1.44 15.33 -12.69
C ASN A 218 2.62 16.24 -13.05
N GLY A 219 2.62 16.82 -14.24
CA GLY A 219 3.55 17.87 -14.61
C GLY A 219 4.94 17.43 -15.00
N ASP A 220 5.21 16.13 -15.08
CA ASP A 220 6.53 15.64 -15.48
C ASP A 220 6.45 15.27 -16.97
N ARG A 221 7.26 15.95 -17.78
CA ARG A 221 7.22 15.76 -19.26
C ARG A 221 8.61 15.67 -19.92
N TRP A 222 9.70 15.43 -19.19
CA TRP A 222 11.02 15.45 -19.81
C TRP A 222 11.18 14.39 -20.90
N PHE A 223 10.46 13.28 -20.81
CA PHE A 223 10.63 12.14 -21.71
C PHE A 223 9.84 12.27 -23.01
N LEU A 224 8.93 13.23 -23.13
CA LEU A 224 8.18 13.43 -24.37
C LEU A 224 9.11 13.87 -25.51
N ASN A 225 8.64 13.65 -26.74
CA ASN A 225 9.39 14.09 -27.91
C ASN A 225 8.41 14.42 -29.04
N ARG A 226 8.94 15.04 -30.09
CA ARG A 226 8.09 15.56 -31.16
C ARG A 226 7.73 14.50 -32.19
N PHE A 227 8.08 13.24 -31.95
CA PHE A 227 7.98 12.21 -32.96
C PHE A 227 6.78 11.30 -32.74
N THR A 228 6.50 10.50 -33.75
CA THR A 228 5.43 9.52 -33.70
C THR A 228 5.99 8.23 -34.29
N THR A 229 5.20 7.18 -34.18
CA THR A 229 5.56 5.85 -34.64
C THR A 229 4.28 5.19 -35.07
N THR A 230 4.39 4.25 -36.00
CA THR A 230 3.25 3.40 -36.27
C THR A 230 3.12 2.34 -35.19
N LEU A 231 1.93 1.77 -35.10
CA LEU A 231 1.70 0.72 -34.10
C LEU A 231 2.62 -0.48 -34.35
N ASN A 232 2.73 -0.92 -35.61
CA ASN A 232 3.55 -2.08 -35.88
C ASN A 232 5.02 -1.82 -35.63
N ASP A 233 5.54 -0.65 -36.04
CA ASP A 233 6.95 -0.35 -35.80
C ASP A 233 7.23 -0.24 -34.31
N PHE A 234 6.30 0.34 -33.56
CA PHE A 234 6.45 0.32 -32.12
C PHE A 234 6.54 -1.11 -31.62
N ASN A 235 5.63 -1.97 -32.10
CA ASN A 235 5.55 -3.32 -31.57
C ASN A 235 6.79 -4.14 -31.91
N LEU A 236 7.42 -3.85 -33.04
CA LEU A 236 8.68 -4.51 -33.36
C LEU A 236 9.73 -4.17 -32.32
N VAL A 237 9.82 -2.90 -31.94
CA VAL A 237 10.83 -2.48 -30.97
C VAL A 237 10.47 -3.02 -29.60
N ALA A 238 9.19 -2.94 -29.25
CA ALA A 238 8.71 -3.51 -28.00
C ALA A 238 9.14 -4.98 -27.84
N MET A 239 8.81 -5.82 -28.81
CA MET A 239 9.11 -7.24 -28.66
C MET A 239 10.61 -7.45 -28.56
N LYS A 240 11.39 -6.61 -29.23
CA LYS A 240 12.85 -6.74 -29.15
C LYS A 240 13.31 -6.57 -27.71
N TYR A 241 12.64 -5.71 -26.95
CA TYR A 241 13.05 -5.37 -25.59
C TYR A 241 12.25 -6.14 -24.55
N ASN A 242 11.60 -7.23 -24.95
CA ASN A 242 10.80 -8.07 -24.06
C ASN A 242 9.65 -7.28 -23.41
N TYR A 243 9.03 -6.44 -24.20
CA TYR A 243 7.79 -5.76 -23.89
C TYR A 243 6.64 -6.45 -24.61
N GLU A 244 5.48 -6.48 -23.95
CA GLU A 244 4.31 -7.09 -24.57
C GLU A 244 3.85 -6.28 -25.78
N PRO A 245 3.27 -6.92 -26.77
CA PRO A 245 2.66 -6.17 -27.87
C PRO A 245 1.55 -5.26 -27.35
N LEU A 246 1.41 -4.13 -28.02
CA LEU A 246 0.31 -3.21 -27.78
C LEU A 246 -0.73 -3.46 -28.86
N THR A 247 -1.98 -3.74 -28.46
CA THR A 247 -3.09 -4.02 -29.35
C THR A 247 -3.89 -2.75 -29.59
N GLN A 248 -4.77 -2.80 -30.60
CA GLN A 248 -5.66 -1.66 -30.82
C GLN A 248 -6.63 -1.48 -29.65
N ASP A 249 -7.04 -2.57 -29.00
CA ASP A 249 -7.84 -2.42 -27.78
C ASP A 249 -7.07 -1.62 -26.73
N HIS A 250 -5.80 -1.95 -26.50
CA HIS A 250 -5.00 -1.13 -25.60
C HIS A 250 -5.01 0.33 -26.03
N VAL A 251 -4.84 0.58 -27.32
CA VAL A 251 -4.81 1.98 -27.78
C VAL A 251 -6.14 2.63 -27.46
N ASP A 252 -7.22 1.89 -27.71
CA ASP A 252 -8.57 2.38 -27.40
C ASP A 252 -8.68 2.67 -25.90
N ILE A 253 -8.17 1.74 -25.08
CA ILE A 253 -8.29 1.86 -23.63
C ILE A 253 -7.58 3.10 -23.15
N LEU A 254 -6.50 3.49 -23.82
CA LEU A 254 -5.70 4.63 -23.42
C LEU A 254 -6.30 5.95 -23.86
N GLY A 255 -7.39 5.93 -24.62
CA GLY A 255 -8.01 7.12 -25.15
C GLY A 255 -8.20 8.22 -24.11
N PRO A 256 -8.90 7.90 -23.02
CA PRO A 256 -9.16 8.92 -21.99
C PRO A 256 -7.92 9.64 -21.51
N LEU A 257 -6.84 8.89 -21.24
CA LEU A 257 -5.59 9.53 -20.87
C LEU A 257 -5.01 10.32 -22.03
N SER A 258 -5.23 9.87 -23.25
CA SER A 258 -4.77 10.62 -24.42
C SER A 258 -5.51 11.95 -24.55
N ALA A 259 -6.85 11.89 -24.54
CA ALA A 259 -7.65 13.12 -24.57
C ALA A 259 -7.16 14.11 -23.53
N GLN A 260 -7.23 13.70 -22.26
CA GLN A 260 -6.84 14.55 -21.13
C GLN A 260 -5.56 15.34 -21.39
N THR A 261 -4.50 14.66 -21.75
CA THR A 261 -3.19 15.26 -21.98
C THR A 261 -3.03 15.80 -23.40
N GLY A 262 -3.92 15.43 -24.31
CA GLY A 262 -3.74 15.77 -25.71
C GLY A 262 -2.47 15.23 -26.31
N ILE A 263 -2.02 14.07 -25.86
CA ILE A 263 -0.87 13.39 -26.44
C ILE A 263 -1.39 12.10 -27.06
N ALA A 264 -1.29 12.00 -28.37
CA ALA A 264 -1.78 10.81 -29.03
C ALA A 264 -1.07 9.58 -28.48
N VAL A 265 -1.79 8.46 -28.48
CA VAL A 265 -1.21 7.22 -27.98
C VAL A 265 0.09 6.90 -28.72
N LEU A 266 0.07 7.02 -30.05
CA LEU A 266 1.28 6.65 -30.78
C LEU A 266 2.40 7.67 -30.59
N ASP A 267 2.08 8.89 -30.17
CA ASP A 267 3.12 9.83 -29.77
C ASP A 267 3.78 9.38 -28.46
N MET A 268 2.98 8.93 -27.48
CA MET A 268 3.56 8.37 -26.26
C MET A 268 4.36 7.10 -26.57
N CYS A 269 3.90 6.30 -27.54
CA CYS A 269 4.69 5.14 -27.93
C CYS A 269 6.06 5.52 -28.42
N ALA A 270 6.16 6.66 -29.13
CA ALA A 270 7.46 7.08 -29.63
C ALA A 270 8.35 7.54 -28.48
N SER A 271 7.75 8.19 -27.46
CA SER A 271 8.49 8.52 -26.24
C SER A 271 9.01 7.26 -25.57
N LEU A 272 8.14 6.27 -25.40
CA LEU A 272 8.58 5.02 -24.77
C LEU A 272 9.66 4.34 -25.62
N LYS A 273 9.52 4.37 -26.94
CA LYS A 273 10.56 3.80 -27.77
C LYS A 273 11.90 4.48 -27.50
N GLU A 274 11.90 5.81 -27.40
CA GLU A 274 13.14 6.53 -27.13
C GLU A 274 13.73 6.10 -25.78
N LEU A 275 12.86 5.95 -24.76
CA LEU A 275 13.33 5.51 -23.45
C LEU A 275 13.94 4.11 -23.51
N LEU A 276 13.33 3.19 -24.27
CA LEU A 276 13.88 1.86 -24.36
C LEU A 276 15.24 1.85 -25.05
N GLN A 277 15.39 2.69 -26.07
CA GLN A 277 16.63 2.69 -26.84
C GLN A 277 17.71 3.53 -26.17
N ASN A 278 17.32 4.64 -25.54
CA ASN A 278 18.26 5.60 -24.99
C ASN A 278 18.47 5.49 -23.49
N GLY A 279 17.56 4.82 -22.77
CA GLY A 279 17.60 4.82 -21.33
C GLY A 279 17.05 6.10 -20.76
N MET A 280 17.11 6.17 -19.43
CA MET A 280 16.60 7.32 -18.71
C MET A 280 17.69 8.35 -18.43
N ASN A 281 18.95 8.04 -18.72
CA ASN A 281 20.06 8.98 -18.60
C ASN A 281 20.25 9.43 -17.17
N GLY A 282 19.81 8.62 -16.20
CA GLY A 282 19.87 8.97 -14.80
C GLY A 282 18.67 9.73 -14.30
N ARG A 283 17.91 10.37 -15.18
CA ARG A 283 16.66 10.98 -14.77
C ARG A 283 15.75 9.93 -14.12
N THR A 284 14.65 10.40 -13.56
CA THR A 284 13.65 9.56 -12.93
C THR A 284 12.28 10.02 -13.39
N ILE A 285 11.32 9.11 -13.36
CA ILE A 285 9.94 9.43 -13.69
C ILE A 285 9.06 9.06 -12.51
N LEU A 286 8.26 10.02 -12.06
CA LEU A 286 7.37 9.86 -10.90
C LEU A 286 8.10 9.25 -9.71
N GLY A 287 9.37 9.58 -9.57
CA GLY A 287 10.21 9.10 -8.49
C GLY A 287 11.08 7.92 -8.86
N SER A 288 10.76 7.23 -9.95
CA SER A 288 11.35 5.93 -10.26
C SER A 288 12.46 6.04 -11.29
N ALA A 289 13.55 5.33 -11.02
CA ALA A 289 14.60 5.08 -12.00
C ALA A 289 14.23 3.99 -13.01
N LEU A 290 13.04 3.40 -12.90
CA LEU A 290 12.65 2.30 -13.76
C LEU A 290 11.26 2.55 -14.29
N LEU A 291 11.00 2.00 -15.47
CA LEU A 291 9.68 2.14 -16.07
C LEU A 291 8.70 1.23 -15.34
N GLU A 292 7.64 1.81 -14.82
CA GLU A 292 6.69 1.10 -13.97
C GLU A 292 5.56 0.51 -14.79
N ASP A 293 5.28 -0.78 -14.60
CA ASP A 293 4.28 -1.45 -15.42
C ASP A 293 3.17 -2.12 -14.60
N GLU A 294 2.98 -1.75 -13.32
CA GLU A 294 1.87 -2.31 -12.55
C GLU A 294 0.83 -1.25 -12.15
N PHE A 295 0.61 -0.25 -13.02
CA PHE A 295 -0.59 0.58 -13.05
C PHE A 295 -1.29 0.36 -14.39
N THR A 296 -2.56 -0.04 -14.33
CA THR A 296 -3.37 -0.13 -15.54
C THR A 296 -3.88 1.25 -15.94
N PRO A 297 -4.41 1.37 -17.15
CA PRO A 297 -5.13 2.61 -17.51
C PRO A 297 -6.24 2.96 -16.52
N PHE A 298 -7.10 1.99 -16.20
CA PHE A 298 -8.16 2.21 -15.21
C PHE A 298 -7.60 2.74 -13.89
N ASP A 299 -6.55 2.10 -13.38
CA ASP A 299 -5.92 2.54 -12.13
C ASP A 299 -5.55 4.01 -12.19
N VAL A 300 -4.88 4.43 -13.26
CA VAL A 300 -4.48 5.82 -13.40
C VAL A 300 -5.70 6.74 -13.39
N VAL A 301 -6.73 6.36 -14.14
CA VAL A 301 -7.93 7.19 -14.20
C VAL A 301 -8.68 7.17 -12.87
N ARG A 302 -8.86 5.97 -12.29
CA ARG A 302 -9.57 5.86 -11.02
C ARG A 302 -8.95 6.78 -9.96
N GLN A 303 -7.63 6.94 -9.99
CA GLN A 303 -6.94 7.75 -8.99
C GLN A 303 -6.80 9.20 -9.38
N CYS A 304 -6.97 9.52 -10.66
CA CYS A 304 -7.12 10.90 -11.09
C CYS A 304 -8.59 11.32 -11.16
N SER A 305 -9.47 10.64 -10.40
CA SER A 305 -10.91 10.87 -10.43
C SER A 305 -11.55 10.85 -9.03
N GLY A 306 -11.13 9.92 -8.18
CA GLY A 306 -11.69 9.81 -6.84
C GLY A 306 -12.67 8.65 -6.70
N PHE B 7 11.47 -5.46 -1.97
CA PHE B 7 10.67 -4.70 -1.00
C PHE B 7 9.57 -3.88 -1.67
N ARG B 8 8.37 -3.90 -1.06
CA ARG B 8 7.20 -3.15 -1.51
C ARG B 8 6.80 -2.16 -0.42
N LYS B 9 6.27 -1.00 -0.80
CA LYS B 9 5.46 -0.25 0.16
C LYS B 9 4.22 -1.08 0.50
N MET B 10 4.05 -1.38 1.79
CA MET B 10 2.94 -2.18 2.29
C MET B 10 2.16 -1.39 3.32
N ALA B 11 0.87 -1.18 3.08
CA ALA B 11 0.04 -0.50 4.07
C ALA B 11 -0.50 -1.47 5.11
N PHE B 12 -0.92 -0.93 6.25
CA PHE B 12 -1.65 -1.75 7.21
C PHE B 12 -3.06 -2.00 6.70
N PRO B 13 -3.65 -3.13 7.07
CA PRO B 13 -5.04 -3.36 6.71
C PRO B 13 -5.90 -2.23 7.27
N SER B 14 -6.82 -1.78 6.46
CA SER B 14 -7.49 -0.52 6.76
C SER B 14 -8.84 -0.68 7.45
N GLY B 15 -9.31 -1.92 7.66
CA GLY B 15 -10.68 -2.10 8.09
C GLY B 15 -11.04 -1.41 9.40
N LYS B 16 -10.13 -1.46 10.38
CA LYS B 16 -10.39 -0.82 11.67
C LYS B 16 -10.54 0.69 11.52
N VAL B 17 -9.87 1.30 10.52
CA VAL B 17 -10.04 2.73 10.28
C VAL B 17 -11.25 3.02 9.41
N GLU B 18 -11.58 2.12 8.46
CA GLU B 18 -12.76 2.32 7.64
C GLU B 18 -13.99 2.43 8.53
N GLY B 19 -14.00 1.63 9.60
CA GLY B 19 -15.09 1.60 10.56
C GLY B 19 -15.25 2.86 11.38
N CYS B 20 -14.38 3.83 11.20
CA CYS B 20 -14.40 5.11 11.90
C CYS B 20 -14.64 6.30 10.98
N MET B 21 -14.71 6.11 9.66
CA MET B 21 -14.80 7.25 8.77
C MET B 21 -16.26 7.68 8.65
N VAL B 22 -16.46 9.00 8.74
CA VAL B 22 -17.76 9.64 8.52
C VAL B 22 -17.56 10.84 7.62
N GLN B 23 -18.66 11.50 7.27
CA GLN B 23 -18.60 12.79 6.59
C GLN B 23 -19.14 13.88 7.50
N VAL B 24 -18.59 15.06 7.34
CA VAL B 24 -18.97 16.25 8.09
C VAL B 24 -19.21 17.35 7.08
N THR B 25 -20.38 17.94 7.11
CA THR B 25 -20.73 19.01 6.18
C THR B 25 -21.16 20.24 6.98
N CYS B 26 -20.70 21.39 6.45
CA CYS B 26 -21.13 22.72 6.95
C CYS B 26 -21.51 23.46 5.67
N GLY B 27 -22.78 23.78 5.48
CA GLY B 27 -23.26 24.36 4.24
C GLY B 27 -23.13 23.41 3.07
N THR B 28 -22.27 23.76 2.11
CA THR B 28 -21.97 22.89 0.96
C THR B 28 -20.58 22.30 1.03
N THR B 29 -19.84 22.56 2.10
CA THR B 29 -18.49 22.02 2.25
C THR B 29 -18.57 20.69 2.99
N THR B 30 -18.15 19.62 2.34
CA THR B 30 -18.14 18.30 2.95
C THR B 30 -16.69 17.85 3.02
N LEU B 31 -16.27 17.38 4.17
CA LEU B 31 -15.00 16.65 4.23
C LEU B 31 -15.25 15.43 5.11
N ASN B 32 -14.16 14.75 5.41
CA ASN B 32 -14.21 13.53 6.18
C ASN B 32 -13.92 13.81 7.64
N GLY B 33 -14.52 12.98 8.49
CA GLY B 33 -14.26 13.02 9.91
C GLY B 33 -13.96 11.63 10.46
N LEU B 34 -13.39 11.59 11.66
CA LEU B 34 -13.00 10.35 12.33
C LEU B 34 -13.84 10.21 13.59
N TRP B 35 -14.58 9.12 13.69
CA TRP B 35 -15.58 8.89 14.72
C TRP B 35 -15.02 7.84 15.67
N LEU B 36 -14.64 8.28 16.86
CA LEU B 36 -14.12 7.41 17.90
C LEU B 36 -14.88 7.65 19.18
N ASP B 37 -15.42 6.56 19.75
CA ASP B 37 -16.33 6.70 20.89
C ASP B 37 -17.41 7.69 20.48
N ASP B 38 -17.73 8.70 21.30
CA ASP B 38 -18.76 9.67 20.98
C ASP B 38 -18.22 11.01 20.50
N VAL B 39 -17.06 11.02 19.83
CA VAL B 39 -16.49 12.24 19.28
C VAL B 39 -16.13 12.02 17.81
N VAL B 40 -16.42 13.04 16.99
CA VAL B 40 -15.99 13.10 15.59
C VAL B 40 -14.95 14.20 15.47
N TYR B 41 -13.79 13.84 14.95
CA TYR B 41 -12.66 14.73 14.73
C TYR B 41 -12.57 15.09 13.25
N CYS B 42 -12.38 16.37 12.94
CA CYS B 42 -12.23 16.73 11.53
C CYS B 42 -11.48 18.06 11.44
N PRO B 43 -11.02 18.44 10.25
CA PRO B 43 -10.36 19.73 10.10
C PRO B 43 -11.32 20.88 10.34
N ARG B 44 -10.85 21.87 11.11
CA ARG B 44 -11.69 23.00 11.44
C ARG B 44 -12.07 23.81 10.23
N HIS B 45 -11.34 23.70 9.12
CA HIS B 45 -11.70 24.55 7.99
C HIS B 45 -12.99 24.11 7.30
N VAL B 46 -13.64 23.04 7.78
CA VAL B 46 -15.00 22.73 7.33
C VAL B 46 -15.94 23.90 7.60
N ILE B 47 -15.63 24.73 8.60
CA ILE B 47 -16.55 25.83 8.93
C ILE B 47 -16.32 27.07 8.07
N CYS B 48 -15.43 26.94 7.10
CA CYS B 48 -15.10 28.12 6.29
C CYS B 48 -15.77 28.10 4.92
N THR B 49 -16.29 29.25 4.50
CA THR B 49 -16.61 29.43 3.09
C THR B 49 -15.32 29.79 2.35
N SER B 50 -15.41 29.84 1.02
CA SER B 50 -14.25 30.23 0.22
C SER B 50 -13.71 31.59 0.66
N GLU B 51 -14.59 32.53 0.95
CA GLU B 51 -14.15 33.88 1.31
C GLU B 51 -13.45 33.90 2.66
N ASP B 52 -13.86 33.01 3.56
CA ASP B 52 -13.19 32.88 4.84
C ASP B 52 -11.83 32.22 4.69
N MET B 53 -11.66 31.37 3.67
CA MET B 53 -10.43 30.61 3.51
C MET B 53 -9.21 31.51 3.27
N LEU B 54 -9.43 32.76 2.86
CA LEU B 54 -8.34 33.72 2.70
C LEU B 54 -7.53 33.87 3.98
N ASN B 55 -8.12 34.50 4.99
CA ASN B 55 -7.51 34.64 6.32
C ASN B 55 -8.60 34.43 7.36
N PRO B 56 -9.04 33.19 7.57
CA PRO B 56 -10.21 32.97 8.40
C PRO B 56 -9.96 33.41 9.82
N ASN B 57 -11.01 33.95 10.44
CA ASN B 57 -11.02 34.13 11.89
C ASN B 57 -11.79 32.94 12.47
N TYR B 58 -11.05 31.86 12.75
CA TYR B 58 -11.68 30.61 13.14
C TYR B 58 -12.45 30.75 14.46
N GLU B 59 -11.88 31.51 15.40
CA GLU B 59 -12.58 31.75 16.66
C GLU B 59 -13.92 32.44 16.42
N ASP B 60 -13.95 33.46 15.57
CA ASP B 60 -15.23 34.13 15.30
C ASP B 60 -16.17 33.21 14.55
N LEU B 61 -15.68 32.58 13.47
CA LEU B 61 -16.48 31.62 12.74
C LEU B 61 -17.09 30.57 13.66
N LEU B 62 -16.34 30.12 14.68
CA LEU B 62 -16.87 29.07 15.54
C LEU B 62 -17.93 29.59 16.50
N ILE B 63 -17.87 30.86 16.87
CA ILE B 63 -18.90 31.41 17.74
C ILE B 63 -20.22 31.48 17.02
N ARG B 64 -20.19 31.79 15.72
CA ARG B 64 -21.44 31.90 14.97
C ARG B 64 -22.07 30.53 14.74
N LYS B 65 -21.33 29.45 14.94
CA LYS B 65 -21.84 28.10 14.71
C LYS B 65 -22.60 27.59 15.91
N SER B 66 -23.58 26.73 15.65
CA SER B 66 -24.26 25.96 16.65
C SER B 66 -24.20 24.47 16.29
N ASN B 67 -24.54 23.63 17.26
CA ASN B 67 -24.54 22.18 17.02
C ASN B 67 -25.36 21.85 15.77
N HIS B 68 -26.50 22.52 15.60
CA HIS B 68 -27.42 22.19 14.52
C HIS B 68 -26.95 22.69 13.16
N ASN B 69 -25.80 23.33 13.07
CA ASN B 69 -25.22 23.66 11.76
C ASN B 69 -24.35 22.54 11.20
N PHE B 70 -24.03 21.51 11.98
CA PHE B 70 -23.10 20.47 11.57
C PHE B 70 -23.89 19.22 11.18
N LEU B 71 -23.72 18.79 9.94
CA LEU B 71 -24.33 17.56 9.41
C LEU B 71 -23.26 16.48 9.43
N VAL B 72 -23.35 15.58 10.38
CA VAL B 72 -22.44 14.45 10.45
C VAL B 72 -23.18 13.20 9.97
N GLN B 73 -22.57 12.46 9.06
CA GLN B 73 -23.23 11.28 8.52
C GLN B 73 -22.28 10.11 8.41
N ALA B 74 -22.74 8.94 8.83
CA ALA B 74 -22.07 7.68 8.55
C ALA B 74 -22.87 7.06 7.42
N GLY B 75 -22.32 7.03 6.23
CA GLY B 75 -23.17 6.72 5.08
C GLY B 75 -24.21 7.81 4.90
N ASN B 76 -25.47 7.41 4.77
CA ASN B 76 -26.57 8.35 4.72
C ASN B 76 -27.29 8.49 6.05
N VAL B 77 -26.73 7.96 7.13
CA VAL B 77 -27.37 8.00 8.43
C VAL B 77 -26.81 9.18 9.20
N GLN B 78 -27.67 10.13 9.56
CA GLN B 78 -27.20 11.27 10.34
C GLN B 78 -26.87 10.88 11.78
N LEU B 79 -25.77 11.43 12.27
CA LEU B 79 -25.32 11.36 13.66
C LEU B 79 -25.54 12.72 14.31
N ARG B 80 -26.36 12.75 15.36
CA ARG B 80 -26.72 14.01 16.00
C ARG B 80 -25.54 14.59 16.77
N VAL B 81 -25.25 15.85 16.51
CA VAL B 81 -24.19 16.59 17.19
C VAL B 81 -24.78 17.24 18.43
N ILE B 82 -24.14 17.01 19.58
CA ILE B 82 -24.60 17.53 20.87
C ILE B 82 -23.57 18.46 21.52
N GLY B 83 -22.47 18.74 20.85
CA GLY B 83 -21.46 19.63 21.38
C GLY B 83 -20.39 19.85 20.33
N HIS B 84 -19.68 20.97 20.46
CA HIS B 84 -18.62 21.26 19.51
C HIS B 84 -17.55 22.11 20.18
N SER B 85 -16.30 21.88 19.77
CA SER B 85 -15.18 22.64 20.30
C SER B 85 -14.06 22.57 19.27
N MET B 86 -13.07 23.45 19.46
CA MET B 86 -11.92 23.53 18.58
C MET B 86 -10.68 23.24 19.42
N GLN B 87 -9.82 22.35 18.95
CA GLN B 87 -8.52 22.11 19.54
C GLN B 87 -7.49 22.33 18.45
N ASN B 88 -6.73 23.43 18.57
CA ASN B 88 -5.77 23.78 17.53
C ASN B 88 -6.49 23.84 16.18
N CYS B 89 -6.09 23.04 15.18
CA CYS B 89 -6.74 23.11 13.87
C CYS B 89 -7.74 21.97 13.64
N VAL B 90 -8.18 21.26 14.65
CA VAL B 90 -9.23 20.25 14.49
C VAL B 90 -10.47 20.64 15.28
N LEU B 91 -11.60 20.32 14.69
CA LEU B 91 -12.89 20.44 15.32
C LEU B 91 -13.24 19.10 15.97
N LYS B 92 -13.78 19.17 17.18
CA LYS B 92 -14.26 18.00 17.89
C LYS B 92 -15.75 18.16 18.07
N LEU B 93 -16.52 17.25 17.44
CA LEU B 93 -17.96 17.27 17.48
C LEU B 93 -18.38 16.14 18.40
N LYS B 94 -18.97 16.50 19.55
CA LYS B 94 -19.58 15.50 20.41
C LYS B 94 -20.87 15.02 19.76
N VAL B 95 -21.04 13.69 19.67
CA VAL B 95 -22.24 13.13 19.06
C VAL B 95 -22.93 12.25 20.09
N ASP B 96 -24.20 11.91 19.80
CA ASP B 96 -25.04 11.26 20.78
C ASP B 96 -24.94 9.74 20.72
N THR B 97 -24.03 9.21 19.91
CA THR B 97 -23.87 7.77 19.70
C THR B 97 -22.38 7.42 19.77
N ALA B 98 -22.04 6.45 20.61
CA ALA B 98 -20.68 5.92 20.63
C ALA B 98 -20.49 4.97 19.46
N ASN B 99 -19.42 5.17 18.68
CA ASN B 99 -19.14 4.33 17.52
C ASN B 99 -18.90 2.89 17.95
N PRO B 100 -19.82 1.96 17.62
CA PRO B 100 -19.63 0.56 18.04
C PRO B 100 -18.42 -0.09 17.40
N LYS B 101 -17.89 0.49 16.31
CA LYS B 101 -16.69 -0.03 15.68
C LYS B 101 -15.41 0.64 16.15
N THR B 102 -15.46 1.46 17.21
CA THR B 102 -14.24 2.06 17.72
C THR B 102 -13.22 0.97 18.05
N PRO B 103 -12.02 1.02 17.49
CA PRO B 103 -10.97 0.08 17.86
C PRO B 103 -10.26 0.55 19.14
N LYS B 104 -9.35 -0.27 19.64
CA LYS B 104 -8.39 0.27 20.59
C LYS B 104 -7.57 1.29 19.82
N TYR B 105 -7.34 2.45 20.41
CA TYR B 105 -6.61 3.46 19.66
C TYR B 105 -5.81 4.39 20.57
N LYS B 106 -4.93 5.14 19.94
CA LYS B 106 -4.31 6.26 20.56
C LYS B 106 -3.93 7.25 19.48
N PHE B 107 -3.59 8.45 19.94
CA PHE B 107 -3.21 9.58 19.11
C PHE B 107 -1.71 9.77 19.31
N VAL B 108 -0.91 9.63 18.26
CA VAL B 108 0.53 9.80 18.37
C VAL B 108 0.96 10.87 17.38
N ARG B 109 2.01 11.58 17.76
CA ARG B 109 2.65 12.58 16.92
C ARG B 109 3.96 11.97 16.45
N ILE B 110 4.09 11.76 15.15
CA ILE B 110 5.24 11.03 14.64
C ILE B 110 6.37 11.97 14.32
N GLN B 111 7.57 11.40 14.12
CA GLN B 111 8.77 12.13 13.78
C GLN B 111 9.01 12.05 12.28
N PRO B 112 9.73 13.01 11.72
CA PRO B 112 10.11 12.91 10.31
C PRO B 112 10.82 11.60 10.04
N GLY B 113 10.55 11.01 8.86
CA GLY B 113 11.06 9.72 8.51
C GLY B 113 10.10 8.58 8.78
N GLN B 114 9.29 8.68 9.83
CA GLN B 114 8.34 7.62 10.12
C GLN B 114 7.32 7.50 9.00
N THR B 115 6.88 6.26 8.77
CA THR B 115 5.92 5.92 7.75
C THR B 115 4.60 5.59 8.39
N PHE B 116 3.54 5.70 7.60
CA PHE B 116 2.20 5.44 8.08
C PHE B 116 1.32 5.17 6.88
N SER B 117 0.19 4.52 7.14
CA SER B 117 -0.78 4.22 6.12
C SER B 117 -1.80 5.35 6.06
N VAL B 118 -2.17 5.75 4.86
CA VAL B 118 -3.20 6.75 4.62
C VAL B 118 -4.39 6.04 4.00
N LEU B 119 -5.57 6.26 4.56
CA LEU B 119 -6.80 5.74 4.01
C LEU B 119 -7.46 6.94 3.33
N ALA B 120 -7.25 7.07 2.03
CA ALA B 120 -7.82 8.19 1.30
C ALA B 120 -9.33 8.02 1.23
N CYS B 121 -10.07 9.08 1.57
CA CYS B 121 -11.53 9.01 1.67
C CYS B 121 -12.15 10.22 0.99
N TYR B 122 -13.36 10.02 0.47
CA TYR B 122 -14.12 11.11 -0.12
C TYR B 122 -15.57 10.91 0.30
N ASN B 123 -16.19 11.98 0.83
CA ASN B 123 -17.58 11.90 1.31
C ASN B 123 -17.78 10.74 2.27
N GLY B 124 -16.79 10.51 3.14
CA GLY B 124 -16.89 9.53 4.19
C GLY B 124 -16.64 8.11 3.74
N SER B 125 -16.33 7.89 2.44
CA SER B 125 -16.18 6.56 1.86
C SER B 125 -14.74 6.33 1.46
N PRO B 126 -14.14 5.22 1.89
CA PRO B 126 -12.74 4.97 1.54
C PRO B 126 -12.55 4.70 0.06
N SER B 127 -11.51 5.29 -0.49
CA SER B 127 -11.14 5.00 -1.87
C SER B 127 -9.91 4.11 -1.96
N GLY B 128 -8.93 4.25 -1.08
CA GLY B 128 -7.68 3.56 -1.28
C GLY B 128 -6.80 3.70 -0.06
N VAL B 129 -5.82 2.82 0.03
CA VAL B 129 -4.89 2.88 1.15
C VAL B 129 -3.47 2.70 0.64
N TYR B 130 -2.55 3.50 1.19
CA TYR B 130 -1.17 3.48 0.72
C TYR B 130 -0.26 4.06 1.79
N GLN B 131 1.00 3.69 1.69
CA GLN B 131 2.02 4.09 2.65
C GLN B 131 2.65 5.42 2.26
N CYS B 132 2.79 6.31 3.25
CA CYS B 132 3.44 7.61 3.13
C CYS B 132 4.58 7.69 4.13
N ALA B 133 5.62 8.45 3.80
CA ALA B 133 6.65 8.81 4.74
C ALA B 133 6.56 10.30 5.05
N MET B 134 6.64 10.65 6.33
CA MET B 134 6.78 12.03 6.73
C MET B 134 8.18 12.50 6.34
N ARG B 135 8.27 13.44 5.39
CA ARG B 135 9.53 13.99 4.98
C ARG B 135 10.14 14.88 6.09
N PRO B 136 11.46 15.06 6.05
CA PRO B 136 12.10 15.96 7.01
C PRO B 136 11.56 17.37 7.00
N ASN B 137 11.00 17.84 5.88
CA ASN B 137 10.37 19.15 5.80
C ASN B 137 8.89 19.12 6.19
N PHE B 138 8.42 18.03 6.81
CA PHE B 138 7.09 17.92 7.40
C PHE B 138 5.98 17.99 6.35
N THR B 139 6.25 17.43 5.17
CA THR B 139 5.26 17.19 4.14
C THR B 139 5.23 15.71 3.79
N ILE B 140 4.15 15.30 3.13
CA ILE B 140 4.06 13.95 2.61
C ILE B 140 3.70 14.03 1.14
N LYS B 141 4.07 12.99 0.39
CA LYS B 141 3.68 12.87 -1.02
C LYS B 141 2.47 11.96 -1.07
N GLY B 142 1.30 12.58 -0.95
CA GLY B 142 0.04 11.88 -1.00
C GLY B 142 -0.54 11.85 -2.39
N SER B 143 -1.72 11.27 -2.47
CA SER B 143 -2.55 11.28 -3.66
C SER B 143 -3.89 11.74 -3.10
N PHE B 144 -3.99 13.04 -2.90
CA PHE B 144 -5.16 13.68 -2.31
C PHE B 144 -5.77 14.62 -3.33
N LEU B 145 -7.07 14.49 -3.50
CA LEU B 145 -7.88 15.34 -4.36
C LEU B 145 -8.83 16.17 -3.52
N ASN B 146 -9.59 17.03 -4.19
CA ASN B 146 -10.66 17.76 -3.52
C ASN B 146 -11.57 16.80 -2.77
N GLY B 147 -11.92 17.19 -1.54
CA GLY B 147 -12.78 16.40 -0.68
C GLY B 147 -12.08 15.37 0.17
N SER B 148 -10.76 15.25 0.03
CA SER B 148 -9.98 14.28 0.79
C SER B 148 -9.68 14.73 2.21
N CYS B 149 -9.81 16.02 2.54
CA CYS B 149 -9.45 16.46 3.89
C CYS B 149 -10.19 15.66 4.97
N GLY B 150 -9.50 15.43 6.08
CA GLY B 150 -10.02 14.58 7.11
C GLY B 150 -9.69 13.11 6.95
N SER B 151 -9.20 12.69 5.79
CA SER B 151 -8.56 11.37 5.69
C SER B 151 -7.41 11.32 6.67
N VAL B 152 -7.16 10.13 7.23
CA VAL B 152 -6.21 10.01 8.31
C VAL B 152 -5.09 9.06 7.94
N GLY B 153 -3.97 9.26 8.60
CA GLY B 153 -2.82 8.37 8.55
C GLY B 153 -2.66 7.65 9.88
N PHE B 154 -2.22 6.41 9.81
CA PHE B 154 -2.18 5.59 11.01
C PHE B 154 -1.14 4.48 10.89
N ASN B 155 -0.82 3.92 12.04
CA ASN B 155 -0.13 2.65 12.19
C ASN B 155 -0.95 1.76 13.10
N ILE B 156 -0.74 0.46 12.99
CA ILE B 156 -1.45 -0.52 13.78
C ILE B 156 -0.39 -1.37 14.47
N ASP B 157 -0.46 -1.43 15.81
CA ASP B 157 0.41 -2.27 16.65
C ASP B 157 -0.45 -3.21 17.48
N TYR B 158 -0.22 -4.52 17.35
CA TYR B 158 -1.13 -5.51 17.89
C TYR B 158 -2.52 -5.13 17.36
N ASP B 159 -3.50 -4.87 18.21
CA ASP B 159 -4.79 -4.43 17.67
C ASP B 159 -5.07 -2.97 17.99
N CYS B 160 -4.03 -2.19 18.28
CA CYS B 160 -4.18 -0.78 18.60
C CYS B 160 -3.84 0.07 17.39
N VAL B 161 -4.76 0.95 17.02
CA VAL B 161 -4.56 1.89 15.92
C VAL B 161 -3.97 3.17 16.50
N SER B 162 -2.75 3.53 16.09
CA SER B 162 -2.14 4.82 16.44
C SER B 162 -2.39 5.79 15.29
N PHE B 163 -3.32 6.73 15.50
CA PHE B 163 -3.60 7.75 14.52
C PHE B 163 -2.55 8.85 14.67
N CYS B 164 -1.91 9.17 13.54
CA CYS B 164 -0.85 10.16 13.53
C CYS B 164 -1.05 11.32 12.57
N TYR B 165 -2.01 11.27 11.66
CA TYR B 165 -2.10 12.32 10.65
C TYR B 165 -3.56 12.52 10.26
N MET B 166 -3.92 13.78 10.05
CA MET B 166 -5.19 14.13 9.43
C MET B 166 -4.90 15.14 8.35
N HIS B 167 -5.48 14.95 7.17
CA HIS B 167 -5.12 15.73 6.00
C HIS B 167 -5.88 17.06 5.93
N HIS B 168 -5.14 18.14 5.61
CA HIS B 168 -5.71 19.49 5.51
C HIS B 168 -5.48 20.20 4.18
N MET B 169 -4.34 20.05 3.53
CA MET B 169 -4.08 20.93 2.39
C MET B 169 -2.96 20.42 1.49
N GLU B 170 -2.96 20.97 0.28
CA GLU B 170 -1.93 20.75 -0.71
C GLU B 170 -1.12 22.03 -0.94
N LEU B 171 0.20 21.89 -0.88
CA LEU B 171 1.12 23.01 -1.07
C LEU B 171 1.36 23.29 -2.56
N PRO B 172 1.86 24.50 -2.87
CA PRO B 172 2.18 24.84 -4.28
C PRO B 172 2.88 23.74 -5.07
N THR B 173 3.88 23.10 -4.45
CA THR B 173 4.69 22.09 -5.16
C THR B 173 3.98 20.76 -5.34
N GLY B 174 2.74 20.61 -4.87
CA GLY B 174 1.97 19.38 -5.05
C GLY B 174 2.11 18.35 -3.96
N VAL B 175 2.88 18.63 -2.90
CA VAL B 175 2.94 17.76 -1.72
C VAL B 175 1.89 18.22 -0.72
N HIS B 176 1.79 17.52 0.41
CA HIS B 176 0.64 17.60 1.30
C HIS B 176 1.05 17.88 2.73
N ALA B 177 0.17 18.58 3.43
CA ALA B 177 0.41 18.98 4.81
C ALA B 177 -0.86 18.74 5.61
N GLY B 178 -0.66 18.51 6.90
CA GLY B 178 -1.77 18.29 7.79
C GLY B 178 -1.28 18.27 9.22
N THR B 179 -2.14 17.78 10.10
CA THR B 179 -1.95 17.84 11.54
C THR B 179 -1.90 16.44 12.12
N ASP B 180 -1.58 16.40 13.41
CA ASP B 180 -1.84 15.22 14.22
C ASP B 180 -3.29 15.28 14.66
N LEU B 181 -3.73 14.33 15.46
CA LEU B 181 -5.12 14.26 15.84
C LEU B 181 -5.44 15.17 17.01
N GLU B 182 -4.45 15.87 17.56
CA GLU B 182 -4.70 17.01 18.45
C GLU B 182 -4.74 18.33 17.68
N GLY B 183 -4.66 18.29 16.35
CA GLY B 183 -4.78 19.47 15.52
C GLY B 183 -3.54 20.33 15.39
N ASN B 184 -2.39 19.85 15.82
CA ASN B 184 -1.14 20.58 15.67
C ASN B 184 -0.51 20.21 14.33
N PHE B 185 -0.32 21.21 13.47
CA PHE B 185 0.29 20.92 12.18
C PHE B 185 1.67 20.31 12.38
N TYR B 186 2.01 19.38 11.50
CA TYR B 186 3.40 19.02 11.29
C TYR B 186 4.05 20.15 10.49
N GLY B 187 5.17 20.64 10.97
CA GLY B 187 5.86 21.68 10.23
C GLY B 187 5.30 23.04 10.56
N PRO B 188 5.70 24.03 9.79
CA PRO B 188 5.39 25.43 10.16
C PRO B 188 4.12 25.94 9.49
N PHE B 189 3.31 25.04 8.95
CA PHE B 189 2.19 25.42 8.10
C PHE B 189 0.95 25.81 8.90
N VAL B 190 0.05 26.52 8.22
CA VAL B 190 -1.18 27.07 8.80
C VAL B 190 -2.33 26.79 7.83
N ASP B 191 -3.54 26.62 8.38
CA ASP B 191 -4.70 26.28 7.52
C ASP B 191 -5.40 27.55 6.96
N ARG B 192 -4.73 28.16 5.97
CA ARG B 192 -5.09 29.42 5.29
C ARG B 192 -4.62 29.35 3.82
N GLN B 193 -4.46 30.51 3.17
CA GLN B 193 -3.92 30.59 1.79
C GLN B 193 -2.56 31.33 1.63
N GLN B 196 2.50 29.74 1.08
CA GLN B 196 3.30 28.83 1.93
C GLN B 196 4.15 27.86 1.12
N ALA B 197 5.41 27.70 1.53
CA ALA B 197 6.35 26.84 0.83
C ALA B 197 6.95 25.83 1.80
N ALA B 198 7.05 24.59 1.34
CA ALA B 198 7.80 23.58 2.06
C ALA B 198 9.29 23.92 2.06
N GLY B 199 9.93 23.76 3.21
CA GLY B 199 11.38 23.88 3.29
C GLY B 199 12.06 22.93 2.32
N THR B 200 13.29 23.21 1.89
CA THR B 200 13.92 22.27 0.97
C THR B 200 14.03 20.92 1.65
N ASP B 201 13.69 19.87 0.91
CA ASP B 201 13.68 18.55 1.52
C ASP B 201 15.07 17.93 1.50
N THR B 202 15.23 16.96 2.37
CA THR B 202 16.49 16.27 2.59
C THR B 202 16.23 14.77 2.61
N THR B 203 17.31 13.99 2.51
CA THR B 203 17.18 12.52 2.52
C THR B 203 17.10 11.98 3.93
N ILE B 204 16.25 10.98 4.12
CA ILE B 204 16.00 10.45 5.45
C ILE B 204 17.06 9.42 5.81
N THR B 205 18.11 9.90 6.46
CA THR B 205 19.28 9.09 6.75
C THR B 205 18.92 7.81 7.48
N VAL B 206 18.08 7.91 8.52
CA VAL B 206 17.80 6.73 9.33
C VAL B 206 17.16 5.63 8.51
N ASN B 207 16.33 5.99 7.54
CA ASN B 207 15.74 5.00 6.66
C ASN B 207 16.74 4.45 5.65
N VAL B 208 17.66 5.26 5.14
CA VAL B 208 18.70 4.72 4.27
C VAL B 208 19.53 3.69 5.03
N LEU B 209 19.87 3.99 6.29
CA LEU B 209 20.62 3.02 7.07
C LEU B 209 19.81 1.74 7.28
N ALA B 210 18.51 1.86 7.55
CA ALA B 210 17.65 0.67 7.60
C ALA B 210 17.72 -0.11 6.31
N TRP B 211 17.75 0.59 5.18
CA TRP B 211 17.82 -0.05 3.87
C TRP B 211 19.15 -0.77 3.69
N LEU B 212 20.25 -0.18 4.16
CA LEU B 212 21.53 -0.89 4.09
C LEU B 212 21.52 -2.13 4.99
N TYR B 213 20.92 -2.02 6.18
CA TYR B 213 20.75 -3.21 7.02
C TYR B 213 19.94 -4.28 6.29
N ALA B 214 18.81 -3.90 5.69
CA ALA B 214 18.05 -4.81 4.85
C ALA B 214 18.94 -5.47 3.79
N ALA B 215 19.78 -4.70 3.12
CA ALA B 215 20.63 -5.30 2.09
C ALA B 215 21.56 -6.36 2.67
N VAL B 216 22.13 -6.06 3.83
CA VAL B 216 23.01 -7.00 4.52
C VAL B 216 22.24 -8.26 4.89
N ILE B 217 21.02 -8.12 5.43
CA ILE B 217 20.24 -9.29 5.82
C ILE B 217 20.06 -10.22 4.64
N ASN B 218 19.99 -9.66 3.44
CA ASN B 218 19.78 -10.41 2.21
C ASN B 218 21.08 -10.81 1.54
N GLY B 219 22.20 -10.64 2.21
CA GLY B 219 23.49 -11.08 1.70
C GLY B 219 24.18 -10.12 0.76
N ASP B 220 23.73 -8.87 0.67
CA ASP B 220 24.27 -7.86 -0.24
C ASP B 220 25.05 -6.89 0.65
N ARG B 221 26.36 -7.14 0.81
CA ARG B 221 27.13 -6.44 1.83
C ARG B 221 28.47 -5.92 1.30
N TRP B 222 28.61 -5.75 -0.01
CA TRP B 222 29.88 -5.28 -0.57
C TRP B 222 30.34 -3.96 0.02
N PHE B 223 29.40 -3.13 0.48
CA PHE B 223 29.67 -1.77 0.92
C PHE B 223 30.10 -1.65 2.38
N LEU B 224 30.14 -2.75 3.14
CA LEU B 224 30.64 -2.69 4.50
C LEU B 224 32.15 -2.51 4.50
N ASN B 225 32.64 -1.58 5.33
CA ASN B 225 34.07 -1.31 5.45
C ASN B 225 34.53 -1.53 6.88
N ARG B 226 35.85 -1.46 7.08
CA ARG B 226 36.47 -1.85 8.35
C ARG B 226 36.52 -0.70 9.37
N PHE B 227 35.81 0.40 9.12
CA PHE B 227 35.99 1.62 9.91
C PHE B 227 34.70 2.04 10.59
N THR B 228 34.83 3.06 11.45
CA THR B 228 33.71 3.59 12.20
C THR B 228 33.84 5.11 12.25
N THR B 229 32.89 5.76 12.90
CA THR B 229 32.84 7.20 12.95
C THR B 229 32.11 7.57 14.23
N THR B 230 32.31 8.79 14.69
CA THR B 230 31.41 9.32 15.71
C THR B 230 30.15 9.81 15.04
N LEU B 231 29.10 9.99 15.84
CA LEU B 231 27.84 10.47 15.31
C LEU B 231 27.95 11.93 14.85
N ASN B 232 28.65 12.76 15.61
CA ASN B 232 28.90 14.15 15.19
C ASN B 232 29.65 14.22 13.85
N ASP B 233 30.78 13.50 13.72
CA ASP B 233 31.48 13.52 12.44
C ASP B 233 30.59 13.06 11.30
N PHE B 234 29.78 12.01 11.50
CA PHE B 234 28.88 11.58 10.44
C PHE B 234 27.85 12.65 10.11
N ASN B 235 27.22 13.22 11.14
CA ASN B 235 26.19 14.23 10.92
C ASN B 235 26.73 15.40 10.11
N LEU B 236 27.96 15.84 10.42
CA LEU B 236 28.52 16.99 9.69
C LEU B 236 28.77 16.63 8.24
N VAL B 237 29.22 15.42 7.96
CA VAL B 237 29.37 15.00 6.56
C VAL B 237 28.01 14.87 5.90
N ALA B 238 27.05 14.21 6.57
CA ALA B 238 25.77 13.93 5.94
C ALA B 238 25.11 15.22 5.45
N MET B 239 25.23 16.30 6.24
CA MET B 239 24.56 17.54 5.87
C MET B 239 25.14 18.15 4.60
N LYS B 240 26.40 17.91 4.29
CA LYS B 240 26.96 18.38 3.03
C LYS B 240 26.39 17.65 1.81
N TYR B 241 25.69 16.55 2.04
CA TYR B 241 25.09 15.74 0.98
C TYR B 241 23.57 15.80 1.01
N ASN B 242 23.02 16.77 1.73
CA ASN B 242 21.57 16.97 1.85
C ASN B 242 20.92 15.76 2.51
N TYR B 243 21.64 15.12 3.41
CA TYR B 243 21.10 14.05 4.26
C TYR B 243 20.80 14.63 5.63
N GLU B 244 19.72 14.14 6.23
CA GLU B 244 19.37 14.55 7.58
C GLU B 244 20.43 14.11 8.59
N PRO B 245 20.74 14.94 9.57
CA PRO B 245 21.52 14.46 10.70
C PRO B 245 20.73 13.45 11.51
N LEU B 246 21.46 12.53 12.11
CA LEU B 246 20.83 11.54 12.97
C LEU B 246 20.61 12.11 14.37
N THR B 247 19.52 11.68 14.99
CA THR B 247 19.23 11.91 16.39
C THR B 247 19.56 10.64 17.20
N GLN B 248 19.56 10.80 18.51
CA GLN B 248 19.71 9.64 19.40
C GLN B 248 18.56 8.67 19.22
N ASP B 249 17.35 9.17 18.93
CA ASP B 249 16.22 8.28 18.72
C ASP B 249 16.42 7.42 17.48
N HIS B 250 17.02 7.99 16.42
CA HIS B 250 17.35 7.22 15.23
C HIS B 250 18.35 6.11 15.53
N VAL B 251 19.37 6.43 16.30
CA VAL B 251 20.33 5.42 16.71
C VAL B 251 19.60 4.29 17.42
N ASP B 252 18.66 4.64 18.30
CA ASP B 252 17.93 3.64 19.07
C ASP B 252 17.02 2.79 18.20
N ILE B 253 16.32 3.38 17.22
CA ILE B 253 15.40 2.56 16.45
C ILE B 253 16.14 1.69 15.45
N LEU B 254 17.41 1.98 15.17
CA LEU B 254 18.26 1.04 14.41
C LEU B 254 18.78 -0.11 15.26
N GLY B 255 18.49 -0.15 16.56
CA GLY B 255 19.06 -1.11 17.45
C GLY B 255 18.74 -2.54 17.06
N PRO B 256 17.47 -2.84 16.81
CA PRO B 256 17.10 -4.22 16.44
C PRO B 256 17.83 -4.71 15.18
N LEU B 257 18.01 -3.85 14.16
CA LEU B 257 18.68 -4.24 12.93
C LEU B 257 20.17 -4.39 13.15
N SER B 258 20.75 -3.49 13.94
CA SER B 258 22.14 -3.61 14.35
C SER B 258 22.38 -4.95 15.03
N ALA B 259 21.47 -5.33 15.93
CA ALA B 259 21.65 -6.58 16.68
C ALA B 259 21.43 -7.79 15.80
N GLN B 260 20.46 -7.70 14.87
CA GLN B 260 20.21 -8.80 13.93
C GLN B 260 21.43 -9.06 13.05
N THR B 261 22.16 -8.01 12.65
CA THR B 261 23.28 -8.16 11.73
C THR B 261 24.63 -8.13 12.40
N GLY B 262 24.69 -7.67 13.66
CA GLY B 262 25.93 -7.51 14.38
C GLY B 262 26.76 -6.35 13.90
N ILE B 263 26.19 -5.47 13.10
CA ILE B 263 26.90 -4.31 12.58
C ILE B 263 26.46 -3.12 13.41
N ALA B 264 27.38 -2.60 14.22
CA ALA B 264 27.11 -1.42 15.03
C ALA B 264 26.59 -0.29 14.16
N VAL B 265 25.64 0.48 14.69
CA VAL B 265 25.06 1.59 13.96
C VAL B 265 26.14 2.52 13.41
N LEU B 266 27.11 2.88 14.27
CA LEU B 266 28.15 3.83 13.86
C LEU B 266 29.06 3.25 12.78
N ASP B 267 29.24 1.92 12.77
CA ASP B 267 29.97 1.29 11.68
C ASP B 267 29.20 1.38 10.37
N MET B 268 27.87 1.18 10.44
CA MET B 268 27.07 1.37 9.23
C MET B 268 27.13 2.82 8.77
N CYS B 269 27.12 3.77 9.72
CA CYS B 269 27.24 5.18 9.33
C CYS B 269 28.53 5.41 8.54
N ALA B 270 29.63 4.78 8.98
CA ALA B 270 30.87 4.93 8.25
C ALA B 270 30.78 4.33 6.86
N SER B 271 30.09 3.20 6.69
CA SER B 271 29.86 2.67 5.34
C SER B 271 29.03 3.63 4.51
N LEU B 272 28.00 4.22 5.09
CA LEU B 272 27.19 5.18 4.34
C LEU B 272 28.02 6.40 3.96
N LYS B 273 28.83 6.88 4.88
CA LYS B 273 29.68 8.04 4.61
C LYS B 273 30.57 7.76 3.42
N GLU B 274 31.10 6.54 3.32
CA GLU B 274 31.93 6.22 2.17
C GLU B 274 31.12 6.23 0.88
N LEU B 275 29.90 5.67 0.90
CA LEU B 275 29.07 5.71 -0.30
C LEU B 275 28.81 7.16 -0.73
N LEU B 276 28.52 8.03 0.22
CA LEU B 276 28.23 9.42 -0.10
C LEU B 276 29.44 10.06 -0.76
N GLN B 277 30.61 9.89 -0.14
CA GLN B 277 31.83 10.55 -0.61
C GLN B 277 32.33 9.94 -1.91
N ASN B 278 32.24 8.61 -2.06
CA ASN B 278 32.80 7.95 -3.24
C ASN B 278 31.77 7.56 -4.28
N GLY B 279 30.50 7.53 -3.93
CA GLY B 279 29.51 7.02 -4.85
C GLY B 279 29.49 5.50 -4.96
N MET B 280 28.54 5.02 -5.75
CA MET B 280 28.35 3.58 -5.91
C MET B 280 29.43 2.94 -6.79
N ASN B 281 30.08 3.72 -7.65
CA ASN B 281 31.12 3.19 -8.54
C ASN B 281 30.55 2.11 -9.47
N GLY B 282 29.33 2.33 -9.95
CA GLY B 282 28.70 1.44 -10.91
C GLY B 282 27.98 0.25 -10.32
N ARG B 283 27.95 0.12 -8.99
CA ARG B 283 27.34 -1.04 -8.36
C ARG B 283 25.94 -0.70 -7.89
N THR B 284 25.25 -1.74 -7.45
CA THR B 284 23.88 -1.63 -6.97
C THR B 284 23.79 -2.23 -5.58
N ILE B 285 22.73 -1.84 -4.87
CA ILE B 285 22.41 -2.36 -3.56
C ILE B 285 20.97 -2.78 -3.63
N LEU B 286 20.71 -4.05 -3.30
CA LEU B 286 19.37 -4.63 -3.45
C LEU B 286 18.84 -4.36 -4.86
N GLY B 287 19.74 -4.40 -5.84
CA GLY B 287 19.34 -4.28 -7.22
C GLY B 287 19.21 -2.87 -7.76
N SER B 288 19.46 -1.85 -6.95
CA SER B 288 19.30 -0.47 -7.40
C SER B 288 20.58 0.32 -7.18
N ALA B 289 20.82 1.28 -8.08
CA ALA B 289 21.88 2.28 -7.86
C ALA B 289 21.43 3.39 -6.93
N LEU B 290 20.14 3.51 -6.69
CA LEU B 290 19.61 4.55 -5.82
C LEU B 290 19.37 3.99 -4.43
N LEU B 291 19.63 4.82 -3.43
CA LEU B 291 19.38 4.48 -2.03
C LEU B 291 17.97 4.87 -1.62
N GLU B 292 17.21 3.89 -1.15
CA GLU B 292 15.82 4.10 -0.74
C GLU B 292 15.76 4.73 0.65
N ASP B 293 14.84 5.71 0.84
CA ASP B 293 14.74 6.39 2.13
C ASP B 293 13.30 6.45 2.69
N GLU B 294 12.39 5.62 2.17
CA GLU B 294 11.01 5.58 2.65
C GLU B 294 10.63 4.25 3.31
N PHE B 295 11.62 3.44 3.70
CA PHE B 295 11.40 2.27 4.54
C PHE B 295 12.09 2.47 5.88
N THR B 296 11.29 2.51 6.94
CA THR B 296 11.82 2.65 8.30
C THR B 296 12.45 1.34 8.80
N PRO B 297 13.17 1.40 9.91
CA PRO B 297 13.65 0.17 10.52
C PRO B 297 12.53 -0.81 10.82
N PHE B 298 11.35 -0.30 11.22
CA PHE B 298 10.21 -1.19 11.48
C PHE B 298 9.67 -1.82 10.20
N ASP B 299 9.59 -1.03 9.11
CA ASP B 299 9.16 -1.55 7.81
C ASP B 299 10.06 -2.70 7.37
N VAL B 300 11.38 -2.54 7.56
CA VAL B 300 12.32 -3.57 7.12
C VAL B 300 12.11 -4.86 7.91
N VAL B 301 12.05 -4.75 9.23
CA VAL B 301 11.85 -5.95 10.04
C VAL B 301 10.51 -6.61 9.70
N ARG B 302 9.50 -5.79 9.44
CA ARG B 302 8.16 -6.29 9.16
C ARG B 302 8.08 -7.03 7.83
N GLN B 303 8.91 -6.67 6.84
CA GLN B 303 8.91 -7.36 5.55
C GLN B 303 9.91 -8.50 5.47
N CYS B 304 11.09 -8.33 6.07
CA CYS B 304 12.00 -9.46 6.21
C CYS B 304 11.46 -10.49 7.20
N SER B 305 10.42 -10.13 7.98
CA SER B 305 9.76 -11.04 8.93
C SER B 305 8.28 -10.66 9.12
#